data_2F66
#
_entry.id   2F66
#
_cell.length_a   86.003
_cell.length_b   144.644
_cell.length_c   119.376
_cell.angle_alpha   90.00
_cell.angle_beta   90.00
_cell.angle_gamma   90.00
#
_symmetry.space_group_name_H-M   'C 2 2 21'
#
loop_
_entity.id
_entity.type
_entity.pdbx_description
1 polymer 'Suppressor protein STP22 of temperature-sensitive alpha-factor receptor and arginine permease'
2 polymer 'Vacuolar protein sorting-associated protein VPS28'
3 polymer 'Protein SRN2'
4 non-polymer 'SULFATE ION'
5 water water
#
loop_
_entity_poly.entity_id
_entity_poly.type
_entity_poly.pdbx_seq_one_letter_code
_entity_poly.pdbx_strand_id
1 'polypeptide(L)' MTDGLNQLYNLVAQDYALTDTIEALSRMLHRGTIPLDTFVKQGRELARQQFLVRWHIQRITSPLS A,D
2 'polypeptide(L)'
;GAMDISQLFHDEVPLFDNSITSKDKEVIETLSEIYSIVITLDHVEKAYLKDSIDDTQYTNTVDKLLKQFKVYLNSQNKEE
INKHFQSIEAFADTYNITASNAITRLERGIPITAEH
;
B,E
3 'polypeptide(L)'
;ASWQDYHSEFSKKYGDIALKKKLEQNTKKLDEESSQLETTTRSIDSADDLDQFIKNYLDIRTQYHLRREKLATWDKQGNL
KY
;
C,F
#
loop_
_chem_comp.id
_chem_comp.type
_chem_comp.name
_chem_comp.formula
SO4 non-polymer 'SULFATE ION' 'O4 S -2'
#
# COMPACT_ATOMS: atom_id res chain seq x y z
N MET A 1 21.54 -12.13 20.80
CA MET A 1 21.11 -11.57 19.50
C MET A 1 22.07 -11.99 18.37
N THR A 2 21.62 -12.92 17.52
CA THR A 2 22.45 -13.38 16.40
C THR A 2 22.84 -12.21 15.52
N ASP A 3 23.68 -12.48 14.52
CA ASP A 3 24.13 -11.43 13.61
C ASP A 3 23.02 -11.04 12.64
N GLY A 4 22.33 -12.05 12.12
CA GLY A 4 21.25 -11.79 11.19
C GLY A 4 20.07 -11.12 11.88
N LEU A 5 19.76 -11.57 13.09
CA LEU A 5 18.65 -10.99 13.83
C LEU A 5 18.94 -9.54 14.19
N ASN A 6 20.21 -9.25 14.46
CA ASN A 6 20.61 -7.89 14.80
C ASN A 6 20.40 -7.00 13.58
N GLN A 7 20.85 -7.48 12.43
CA GLN A 7 20.72 -6.77 11.17
C GLN A 7 19.27 -6.36 10.94
N LEU A 8 18.39 -7.35 11.03
CA LEU A 8 16.98 -7.15 10.84
C LEU A 8 16.48 -5.98 11.67
N TYR A 9 16.88 -5.95 12.93
CA TYR A 9 16.46 -4.88 13.82
C TYR A 9 16.91 -3.51 13.34
N ASN A 10 18.11 -3.44 12.81
CA ASN A 10 18.63 -2.16 12.33
C ASN A 10 17.96 -1.72 11.03
N LEU A 11 17.71 -2.67 10.15
CA LEU A 11 17.05 -2.37 8.89
C LEU A 11 15.69 -1.77 9.21
N VAL A 12 14.93 -2.44 10.07
CA VAL A 12 13.62 -1.93 10.45
C VAL A 12 13.79 -0.53 11.05
N ALA A 13 14.77 -0.38 11.94
CA ALA A 13 15.04 0.89 12.59
C ALA A 13 15.28 1.98 11.55
N GLN A 14 16.08 1.64 10.53
CA GLN A 14 16.41 2.55 9.44
C GLN A 14 15.20 2.95 8.58
N ASP A 15 14.27 2.02 8.38
CA ASP A 15 13.08 2.28 7.60
C ASP A 15 12.28 3.39 8.28
N TYR A 16 11.95 3.19 9.55
CA TYR A 16 11.17 4.17 10.28
C TYR A 16 11.90 5.50 10.43
N ALA A 17 13.20 5.43 10.66
CA ALA A 17 14.00 6.65 10.79
C ALA A 17 13.91 7.43 9.49
N LEU A 18 14.11 6.74 8.37
CA LEU A 18 14.04 7.38 7.06
C LEU A 18 12.74 8.13 6.85
N THR A 19 11.64 7.60 7.37
CA THR A 19 10.37 8.27 7.22
C THR A 19 10.37 9.52 8.07
N ASP A 20 10.82 9.37 9.31
CA ASP A 20 10.90 10.49 10.25
C ASP A 20 11.72 11.65 9.68
N THR A 21 12.84 11.31 9.07
CA THR A 21 13.70 12.33 8.51
C THR A 21 13.04 13.05 7.35
N ILE A 22 12.28 12.30 6.55
CA ILE A 22 11.59 12.91 5.43
C ILE A 22 10.58 13.90 6.00
N GLU A 23 9.72 13.41 6.90
CA GLU A 23 8.73 14.26 7.58
C GLU A 23 9.37 15.56 8.12
N ALA A 24 10.49 15.39 8.83
CA ALA A 24 11.21 16.53 9.41
C ALA A 24 11.52 17.55 8.32
N LEU A 25 11.98 17.05 7.18
CA LEU A 25 12.30 17.91 6.06
C LEU A 25 11.05 18.65 5.59
N SER A 26 9.90 18.00 5.72
CA SER A 26 8.62 18.60 5.34
C SER A 26 8.33 19.82 6.19
N ARG A 27 8.56 19.68 7.50
CA ARG A 27 8.33 20.77 8.44
C ARG A 27 9.28 21.91 8.15
N MET A 28 10.50 21.58 7.77
CA MET A 28 11.47 22.62 7.46
C MET A 28 11.02 23.38 6.21
N LEU A 29 10.33 22.69 5.30
CA LEU A 29 9.81 23.32 4.09
C LEU A 29 8.69 24.27 4.49
N HIS A 30 7.80 23.75 5.34
CA HIS A 30 6.65 24.51 5.81
C HIS A 30 7.06 25.76 6.59
N ARG A 31 8.03 25.61 7.48
CA ARG A 31 8.50 26.71 8.30
C ARG A 31 9.35 27.69 7.50
N GLY A 32 9.57 27.40 6.23
CA GLY A 32 10.38 28.30 5.41
C GLY A 32 11.88 28.11 5.57
N THR A 33 12.28 27.15 6.40
CA THR A 33 13.69 26.88 6.64
C THR A 33 14.43 26.46 5.37
N ILE A 34 13.78 25.64 4.54
CA ILE A 34 14.34 25.16 3.26
C ILE A 34 13.32 25.31 2.14
N PRO A 35 13.81 25.51 0.90
CA PRO A 35 12.94 25.66 -0.27
C PRO A 35 12.45 24.31 -0.83
N LEU A 36 11.48 24.39 -1.72
CA LEU A 36 10.91 23.19 -2.32
C LEU A 36 11.95 22.31 -3.01
N ASP A 37 12.75 22.91 -3.89
CA ASP A 37 13.73 22.12 -4.62
C ASP A 37 14.66 21.35 -3.71
N THR A 38 14.99 21.92 -2.56
CA THR A 38 15.88 21.24 -1.64
C THR A 38 15.17 20.03 -1.05
N PHE A 39 13.93 20.22 -0.64
CA PHE A 39 13.15 19.13 -0.10
C PHE A 39 13.05 17.98 -1.11
N VAL A 40 12.71 18.32 -2.34
CA VAL A 40 12.58 17.29 -3.37
C VAL A 40 13.86 16.47 -3.56
N LYS A 41 15.01 17.13 -3.68
CA LYS A 41 16.26 16.41 -3.87
C LYS A 41 16.58 15.50 -2.68
N GLN A 42 16.62 16.07 -1.49
CA GLN A 42 16.90 15.30 -0.28
C GLN A 42 15.85 14.22 -0.01
N GLY A 43 14.57 14.58 -0.11
CA GLY A 43 13.50 13.63 0.11
C GLY A 43 13.56 12.43 -0.81
N ARG A 44 13.76 12.70 -2.09
CA ARG A 44 13.88 11.65 -3.10
C ARG A 44 14.96 10.67 -2.66
N GLU A 45 16.13 11.22 -2.34
CA GLU A 45 17.26 10.41 -1.94
C GLU A 45 16.94 9.51 -0.76
N LEU A 46 16.41 10.09 0.32
CA LEU A 46 16.07 9.33 1.51
C LEU A 46 15.03 8.27 1.20
N ALA A 47 14.08 8.64 0.35
CA ALA A 47 13.03 7.71 -0.04
C ALA A 47 13.60 6.55 -0.83
N ARG A 48 14.52 6.84 -1.74
CA ARG A 48 15.15 5.82 -2.57
C ARG A 48 15.87 4.87 -1.63
N GLN A 49 16.59 5.44 -0.67
CA GLN A 49 17.31 4.64 0.31
C GLN A 49 16.32 3.75 1.07
N GLN A 50 15.16 4.30 1.38
CA GLN A 50 14.16 3.55 2.12
C GLN A 50 13.69 2.32 1.38
N PHE A 51 13.43 2.46 0.09
CA PHE A 51 12.98 1.30 -0.69
C PHE A 51 14.00 0.20 -0.62
N LEU A 52 15.26 0.58 -0.79
CA LEU A 52 16.35 -0.37 -0.78
C LEU A 52 16.40 -1.10 0.56
N VAL A 53 16.22 -0.36 1.64
CA VAL A 53 16.26 -0.96 2.96
C VAL A 53 15.13 -1.98 3.09
N ARG A 54 13.91 -1.55 2.76
CA ARG A 54 12.73 -2.41 2.84
C ARG A 54 12.81 -3.67 1.97
N TRP A 55 13.24 -3.52 0.73
CA TRP A 55 13.36 -4.66 -0.17
C TRP A 55 14.33 -5.65 0.47
N HIS A 56 15.40 -5.10 1.05
CA HIS A 56 16.42 -5.90 1.73
C HIS A 56 15.76 -6.71 2.83
N ILE A 57 14.91 -6.06 3.61
CA ILE A 57 14.21 -6.74 4.69
C ILE A 57 13.39 -7.90 4.15
N GLN A 58 12.74 -7.68 3.01
CA GLN A 58 11.88 -8.69 2.41
C GLN A 58 12.67 -9.91 2.01
N ARG A 59 13.88 -9.69 1.50
CA ARG A 59 14.75 -10.76 1.06
C ARG A 59 15.16 -11.62 2.23
N ILE A 60 15.52 -10.98 3.32
CA ILE A 60 15.92 -11.68 4.54
C ILE A 60 14.78 -12.53 5.07
N THR A 61 13.63 -11.89 5.28
CA THR A 61 12.46 -12.56 5.83
C THR A 61 11.61 -13.32 4.84
N SER A 62 12.18 -13.70 3.70
CA SER A 62 11.40 -14.46 2.72
C SER A 62 11.68 -15.93 2.93
N PRO A 63 10.81 -16.81 2.39
CA PRO A 63 11.08 -18.24 2.57
C PRO A 63 12.33 -18.59 1.79
N LEU A 64 13.43 -17.89 2.12
CA LEU A 64 14.73 -18.05 1.47
C LEU A 64 14.62 -18.82 0.16
N SER A 65 14.08 -18.12 -0.84
CA SER A 65 13.87 -18.67 -2.18
C SER A 65 12.61 -19.56 -2.14
N SER B 6 15.28 -16.38 15.67
CA SER B 6 16.19 -17.11 16.61
C SER B 6 17.39 -17.68 15.86
N GLN B 7 17.18 -18.83 15.24
CA GLN B 7 18.22 -19.49 14.48
C GLN B 7 17.89 -19.28 13.02
N LEU B 8 16.61 -19.01 12.77
CA LEU B 8 16.13 -18.77 11.42
C LEU B 8 16.83 -17.56 10.81
N PHE B 9 17.33 -16.69 11.69
CA PHE B 9 18.03 -15.49 11.28
C PHE B 9 19.39 -15.51 11.97
N HIS B 10 20.26 -16.42 11.54
CA HIS B 10 21.56 -16.56 12.15
C HIS B 10 22.63 -15.62 11.60
N ASP B 11 22.80 -15.62 10.29
CA ASP B 11 23.82 -14.77 9.66
C ASP B 11 23.23 -13.57 8.94
N GLU B 12 24.03 -12.50 8.83
CA GLU B 12 23.54 -11.33 8.13
C GLU B 12 23.54 -11.54 6.62
N VAL B 13 22.45 -11.13 5.99
CA VAL B 13 22.24 -11.29 4.55
C VAL B 13 22.60 -10.04 3.73
N PRO B 14 23.10 -10.24 2.51
CA PRO B 14 23.47 -9.11 1.65
C PRO B 14 22.25 -8.54 0.96
N LEU B 15 22.38 -7.31 0.48
CA LEU B 15 21.29 -6.67 -0.25
C LEU B 15 21.03 -7.53 -1.49
N PHE B 16 22.10 -7.96 -2.12
CA PHE B 16 21.99 -8.80 -3.30
C PHE B 16 22.72 -10.12 -3.09
N ASP B 17 21.96 -11.20 -2.89
CA ASP B 17 22.59 -12.49 -2.69
C ASP B 17 22.98 -13.14 -4.03
N ASN B 18 23.39 -14.40 -3.96
CA ASN B 18 23.86 -15.10 -5.15
C ASN B 18 22.80 -15.48 -6.17
N SER B 19 21.53 -15.30 -5.81
CA SER B 19 20.45 -15.63 -6.73
C SER B 19 20.02 -14.39 -7.50
N ILE B 20 20.80 -13.32 -7.38
CA ILE B 20 20.50 -12.07 -8.04
C ILE B 20 21.43 -11.79 -9.23
N THR B 21 20.84 -11.60 -10.41
CA THR B 21 21.64 -11.31 -11.59
C THR B 21 21.83 -9.82 -11.66
N SER B 22 22.68 -9.39 -12.58
CA SER B 22 22.98 -7.99 -12.80
C SER B 22 21.79 -7.24 -13.37
N LYS B 23 20.85 -7.97 -13.97
CA LYS B 23 19.66 -7.34 -14.54
C LYS B 23 18.66 -7.05 -13.43
N ASP B 24 18.54 -7.99 -12.49
CA ASP B 24 17.63 -7.83 -11.36
C ASP B 24 18.02 -6.58 -10.58
N LYS B 25 19.33 -6.42 -10.40
CA LYS B 25 19.85 -5.28 -9.68
C LYS B 25 19.36 -4.02 -10.35
N GLU B 26 19.46 -3.97 -11.68
CA GLU B 26 19.00 -2.80 -12.43
C GLU B 26 17.51 -2.60 -12.18
N VAL B 27 16.76 -3.69 -12.26
CA VAL B 27 15.33 -3.63 -12.03
C VAL B 27 15.01 -3.08 -10.65
N ILE B 28 15.71 -3.59 -9.64
CA ILE B 28 15.50 -3.14 -8.27
C ILE B 28 15.83 -1.66 -8.10
N GLU B 29 16.91 -1.22 -8.74
CA GLU B 29 17.31 0.19 -8.64
C GLU B 29 16.29 1.09 -9.30
N THR B 30 15.74 0.65 -10.43
CA THR B 30 14.75 1.47 -11.10
C THR B 30 13.52 1.52 -10.21
N LEU B 31 13.21 0.42 -9.54
CA LEU B 31 12.05 0.38 -8.66
C LEU B 31 12.24 1.29 -7.47
N SER B 32 13.46 1.40 -6.98
CA SER B 32 13.75 2.26 -5.84
C SER B 32 13.53 3.71 -6.25
N GLU B 33 13.85 3.99 -7.52
CA GLU B 33 13.71 5.34 -8.07
C GLU B 33 12.24 5.68 -8.28
N ILE B 34 11.46 4.69 -8.70
CA ILE B 34 10.04 4.91 -8.90
C ILE B 34 9.41 5.14 -7.53
N TYR B 35 9.87 4.35 -6.55
CA TYR B 35 9.38 4.46 -5.19
C TYR B 35 9.60 5.88 -4.69
N SER B 36 10.82 6.39 -4.85
CA SER B 36 11.13 7.72 -4.39
C SER B 36 10.20 8.76 -4.99
N ILE B 37 9.89 8.63 -6.27
CA ILE B 37 9.02 9.61 -6.90
C ILE B 37 7.60 9.58 -6.33
N VAL B 38 7.04 8.39 -6.17
CA VAL B 38 5.70 8.27 -5.63
C VAL B 38 5.66 8.89 -4.22
N ILE B 39 6.69 8.65 -3.42
CA ILE B 39 6.72 9.19 -2.07
C ILE B 39 6.86 10.71 -2.11
N THR B 40 7.76 11.20 -2.95
CA THR B 40 7.98 12.63 -3.05
C THR B 40 6.70 13.30 -3.57
N LEU B 41 6.12 12.72 -4.62
CA LEU B 41 4.88 13.24 -5.19
C LEU B 41 3.83 13.51 -4.11
N ASP B 42 3.70 12.57 -3.20
CA ASP B 42 2.72 12.70 -2.12
C ASP B 42 3.08 13.84 -1.17
N HIS B 43 4.34 13.93 -0.77
CA HIS B 43 4.75 15.00 0.13
C HIS B 43 4.63 16.38 -0.49
N VAL B 44 4.92 16.48 -1.77
CA VAL B 44 4.78 17.75 -2.46
C VAL B 44 3.32 18.18 -2.42
N GLU B 45 2.40 17.24 -2.64
CA GLU B 45 0.98 17.57 -2.60
C GLU B 45 0.54 18.00 -1.21
N LYS B 46 0.90 17.25 -0.16
CA LYS B 46 0.51 17.65 1.20
C LYS B 46 1.06 19.04 1.46
N ALA B 47 2.25 19.28 0.94
CA ALA B 47 2.92 20.58 1.08
C ALA B 47 2.04 21.67 0.51
N TYR B 48 1.64 21.50 -0.74
CA TYR B 48 0.79 22.47 -1.42
C TYR B 48 -0.54 22.62 -0.68
N LEU B 49 -1.16 21.51 -0.33
CA LEU B 49 -2.43 21.54 0.36
C LEU B 49 -2.43 22.40 1.63
N LYS B 50 -1.31 22.48 2.34
CA LYS B 50 -1.29 23.31 3.55
C LYS B 50 -0.43 24.56 3.40
N ASP B 51 -0.44 25.08 2.18
CA ASP B 51 0.25 26.29 1.76
C ASP B 51 1.70 26.50 2.13
N SER B 52 2.56 25.55 1.80
CA SER B 52 3.99 25.67 2.08
C SER B 52 4.65 26.14 0.78
N ILE B 53 4.00 25.81 -0.33
CA ILE B 53 4.44 26.18 -1.67
C ILE B 53 3.22 26.67 -2.41
N ASP B 54 3.39 27.33 -3.55
CA ASP B 54 2.25 27.85 -4.28
C ASP B 54 1.89 27.07 -5.54
N ASP B 55 0.73 27.39 -6.11
CA ASP B 55 0.21 26.77 -7.33
C ASP B 55 1.28 26.43 -8.36
N THR B 56 2.09 27.42 -8.69
CA THR B 56 3.14 27.25 -9.68
C THR B 56 4.17 26.24 -9.21
N GLN B 57 4.70 26.47 -8.02
CA GLN B 57 5.71 25.57 -7.46
C GLN B 57 5.19 24.14 -7.48
N TYR B 58 3.97 23.95 -6.96
CA TYR B 58 3.38 22.62 -6.92
C TYR B 58 3.30 22.02 -8.31
N THR B 59 2.80 22.84 -9.24
CA THR B 59 2.62 22.42 -10.62
C THR B 59 3.92 22.12 -11.36
N ASN B 60 4.90 23.02 -11.27
CA ASN B 60 6.18 22.77 -11.95
C ASN B 60 6.81 21.50 -11.43
N THR B 61 6.84 21.39 -10.11
CA THR B 61 7.42 20.24 -9.44
C THR B 61 6.77 18.92 -9.85
N VAL B 62 5.46 18.83 -9.68
CA VAL B 62 4.76 17.60 -10.04
C VAL B 62 5.04 17.21 -11.49
N ASP B 63 5.03 18.18 -12.39
CA ASP B 63 5.30 17.88 -13.79
C ASP B 63 6.67 17.25 -13.99
N LYS B 64 7.70 17.83 -13.37
CA LYS B 64 9.06 17.31 -13.48
C LYS B 64 9.09 15.85 -13.04
N LEU B 65 8.46 15.58 -11.90
CA LEU B 65 8.41 14.24 -11.32
C LEU B 65 7.72 13.25 -12.23
N LEU B 66 6.51 13.58 -12.67
CA LEU B 66 5.79 12.67 -13.55
C LEU B 66 6.55 12.34 -14.83
N LYS B 67 7.31 13.29 -15.36
CA LYS B 67 8.04 13.00 -16.58
C LYS B 67 9.11 11.96 -16.29
N GLN B 68 9.89 12.19 -15.24
CA GLN B 68 10.94 11.24 -14.87
C GLN B 68 10.33 9.89 -14.56
N PHE B 69 9.12 9.91 -14.02
CA PHE B 69 8.42 8.68 -13.68
C PHE B 69 8.13 7.88 -14.95
N LYS B 70 7.56 8.54 -15.96
CA LYS B 70 7.25 7.88 -17.22
C LYS B 70 8.51 7.30 -17.83
N VAL B 71 9.62 8.03 -17.69
CA VAL B 71 10.86 7.56 -18.24
C VAL B 71 11.37 6.29 -17.56
N TYR B 72 11.06 6.12 -16.27
CA TYR B 72 11.50 4.91 -15.57
C TYR B 72 10.69 3.73 -16.05
N LEU B 73 9.45 3.98 -16.43
CA LEU B 73 8.57 2.91 -16.90
C LEU B 73 8.69 2.61 -18.39
N ASN B 74 9.49 3.41 -19.10
CA ASN B 74 9.66 3.21 -20.54
C ASN B 74 11.12 3.26 -20.97
N SER B 75 11.98 2.59 -20.22
CA SER B 75 13.38 2.59 -20.54
C SER B 75 13.96 1.19 -20.35
N GLN B 76 15.20 1.13 -19.88
CA GLN B 76 15.87 -0.14 -19.68
C GLN B 76 15.04 -1.09 -18.83
N ASN B 77 14.98 -2.35 -19.26
CA ASN B 77 14.23 -3.39 -18.55
C ASN B 77 12.75 -3.04 -18.37
N LYS B 78 12.19 -2.34 -19.34
CA LYS B 78 10.80 -1.93 -19.26
C LYS B 78 9.86 -3.11 -19.05
N GLU B 79 10.17 -4.22 -19.68
CA GLU B 79 9.35 -5.41 -19.56
C GLU B 79 9.15 -5.84 -18.11
N GLU B 80 10.26 -6.12 -17.46
CA GLU B 80 10.25 -6.57 -16.07
C GLU B 80 9.66 -5.51 -15.16
N ILE B 81 10.13 -4.27 -15.32
CA ILE B 81 9.66 -3.18 -14.49
C ILE B 81 8.15 -3.02 -14.45
N ASN B 82 7.50 -3.00 -15.61
CA ASN B 82 6.05 -2.84 -15.63
C ASN B 82 5.29 -4.00 -15.03
N LYS B 83 5.88 -5.19 -15.07
CA LYS B 83 5.23 -6.36 -14.48
C LYS B 83 5.15 -6.17 -12.98
N HIS B 84 6.23 -5.65 -12.41
CA HIS B 84 6.32 -5.38 -10.98
C HIS B 84 5.40 -4.24 -10.59
N PHE B 85 5.38 -3.19 -11.40
CA PHE B 85 4.54 -2.03 -11.10
C PHE B 85 3.07 -2.38 -11.10
N GLN B 86 2.63 -3.12 -12.12
CA GLN B 86 1.24 -3.52 -12.21
C GLN B 86 0.76 -4.24 -10.96
N SER B 87 1.51 -5.22 -10.49
CA SER B 87 1.10 -5.93 -9.29
C SER B 87 1.21 -5.02 -8.08
N ILE B 88 2.21 -4.14 -8.08
CA ILE B 88 2.37 -3.20 -6.99
C ILE B 88 1.10 -2.32 -6.88
N GLU B 89 0.68 -1.76 -8.01
CA GLU B 89 -0.49 -0.89 -8.07
C GLU B 89 -1.77 -1.63 -7.72
N ALA B 90 -1.89 -2.87 -8.15
CA ALA B 90 -3.07 -3.66 -7.88
C ALA B 90 -3.19 -3.91 -6.38
N PHE B 91 -2.05 -3.85 -5.69
CA PHE B 91 -2.01 -4.07 -4.25
C PHE B 91 -2.16 -2.78 -3.48
N ALA B 92 -1.88 -1.67 -4.14
CA ALA B 92 -1.99 -0.37 -3.49
C ALA B 92 -3.28 -0.25 -2.68
N ASP B 93 -3.26 0.63 -1.69
CA ASP B 93 -4.41 0.87 -0.83
C ASP B 93 -5.28 1.94 -1.51
N THR B 94 -5.97 1.57 -2.59
CA THR B 94 -6.81 2.49 -3.35
C THR B 94 -8.04 2.92 -2.55
N TYR B 95 -7.79 3.65 -1.46
CA TYR B 95 -8.86 4.12 -0.58
C TYR B 95 -8.62 5.60 -0.29
N ASN B 96 -9.72 6.31 -0.01
CA ASN B 96 -9.64 7.73 0.27
C ASN B 96 -9.54 8.47 -1.07
N ILE B 97 -9.41 7.68 -2.13
CA ILE B 97 -9.35 8.19 -3.49
C ILE B 97 -10.66 7.72 -4.11
N THR B 98 -11.46 8.67 -4.60
CA THR B 98 -12.74 8.33 -5.19
C THR B 98 -12.62 7.75 -6.60
N ALA B 99 -13.57 6.89 -6.94
CA ALA B 99 -13.60 6.26 -8.25
C ALA B 99 -13.61 7.37 -9.30
N SER B 100 -14.19 8.50 -8.89
CA SER B 100 -14.26 9.66 -9.75
C SER B 100 -12.83 10.14 -10.02
N ASN B 101 -12.05 10.34 -8.96
CA ASN B 101 -10.67 10.79 -9.11
C ASN B 101 -9.80 9.67 -9.71
N ALA B 102 -10.12 8.43 -9.36
CA ALA B 102 -9.38 7.28 -9.84
C ALA B 102 -9.27 7.28 -11.35
N ILE B 103 -10.39 7.50 -12.04
CA ILE B 103 -10.38 7.51 -13.50
C ILE B 103 -9.53 8.64 -14.05
N THR B 104 -9.67 9.83 -13.49
CA THR B 104 -8.87 10.96 -13.94
C THR B 104 -7.39 10.57 -13.93
N ARG B 105 -6.92 10.09 -12.79
CA ARG B 105 -5.54 9.67 -12.60
C ARG B 105 -5.12 8.58 -13.58
N LEU B 106 -5.98 7.56 -13.73
CA LEU B 106 -5.71 6.43 -14.63
C LEU B 106 -5.50 6.81 -16.07
N GLU B 107 -6.22 7.82 -16.52
CA GLU B 107 -6.09 8.27 -17.91
C GLU B 107 -4.85 9.13 -18.05
N ARG B 108 -4.47 9.80 -16.96
CA ARG B 108 -3.30 10.67 -16.93
C ARG B 108 -1.97 9.96 -16.67
N GLY B 109 -2.00 8.64 -16.53
CA GLY B 109 -0.78 7.89 -16.27
C GLY B 109 -0.22 8.14 -14.87
N ILE B 110 -0.97 8.90 -14.09
CA ILE B 110 -0.57 9.23 -12.72
C ILE B 110 -0.65 8.02 -11.78
N PRO B 111 0.47 7.72 -11.09
CA PRO B 111 0.52 6.59 -10.16
C PRO B 111 -0.33 6.81 -8.91
N ILE B 112 -0.50 5.76 -8.12
CA ILE B 112 -1.26 5.88 -6.89
C ILE B 112 -0.33 6.36 -5.79
N THR B 113 -0.74 7.40 -5.09
CA THR B 113 0.06 7.94 -3.99
C THR B 113 -0.80 7.94 -2.74
N ALA B 114 -0.55 6.98 -1.86
CA ALA B 114 -1.30 6.86 -0.60
C ALA B 114 -1.25 8.18 0.16
N GLU B 115 -2.42 8.79 0.31
CA GLU B 115 -2.53 10.07 1.00
C GLU B 115 -3.00 9.93 2.46
N HIS B 116 -2.92 8.70 2.97
CA HIS B 116 -3.31 8.36 4.34
C HIS B 116 -4.82 8.32 4.56
N SER C 11 16.86 -13.90 40.13
CA SER C 11 18.27 -13.45 39.93
C SER C 11 18.47 -12.92 38.52
N LYS C 12 18.78 -13.84 37.60
CA LYS C 12 18.98 -13.49 36.18
C LYS C 12 17.62 -13.10 35.60
N LYS C 13 16.83 -12.42 36.44
CA LYS C 13 15.48 -12.01 36.07
C LYS C 13 15.12 -10.65 36.67
N TYR C 14 15.71 -10.32 37.82
CA TYR C 14 15.47 -9.04 38.48
C TYR C 14 16.18 -7.96 37.69
N GLY C 15 17.33 -8.32 37.12
CA GLY C 15 18.09 -7.37 36.32
C GLY C 15 17.25 -6.77 35.22
N ASP C 16 16.62 -7.63 34.42
CA ASP C 16 15.78 -7.20 33.31
C ASP C 16 14.99 -5.94 33.65
N ILE C 17 14.30 -5.97 34.78
CA ILE C 17 13.49 -4.85 35.22
C ILE C 17 14.25 -3.54 35.16
N ALA C 18 15.41 -3.52 35.79
CA ALA C 18 16.24 -2.32 35.82
C ALA C 18 16.82 -2.04 34.44
N LEU C 19 17.24 -3.09 33.74
CA LEU C 19 17.79 -2.94 32.39
C LEU C 19 16.76 -2.25 31.50
N LYS C 20 15.53 -2.77 31.51
CA LYS C 20 14.46 -2.18 30.73
C LYS C 20 14.35 -0.71 31.07
N LYS C 21 14.34 -0.43 32.38
CA LYS C 21 14.22 0.93 32.87
C LYS C 21 15.27 1.87 32.29
N LYS C 22 16.54 1.45 32.32
CA LYS C 22 17.64 2.25 31.81
C LYS C 22 17.54 2.44 30.30
N LEU C 23 17.27 1.34 29.59
CA LEU C 23 17.14 1.36 28.15
C LEU C 23 15.92 2.19 27.73
N GLU C 24 14.89 2.18 28.57
CA GLU C 24 13.65 2.90 28.32
C GLU C 24 13.85 4.40 28.49
N GLN C 25 14.82 4.77 29.32
CA GLN C 25 15.11 6.17 29.60
C GLN C 25 16.04 6.78 28.57
N ASN C 26 16.99 5.99 28.08
CA ASN C 26 17.92 6.46 27.05
C ASN C 26 17.06 6.77 25.84
N THR C 27 16.04 5.94 25.64
CA THR C 27 15.12 6.10 24.53
C THR C 27 14.45 7.47 24.59
N LYS C 28 13.86 7.80 25.74
CA LYS C 28 13.19 9.08 25.88
C LYS C 28 14.17 10.23 25.67
N LYS C 29 15.43 9.98 25.95
CA LYS C 29 16.45 11.00 25.79
C LYS C 29 16.77 11.20 24.32
N LEU C 30 16.73 10.11 23.56
CA LEU C 30 16.99 10.17 22.13
C LEU C 30 15.83 10.93 21.47
N ASP C 31 14.60 10.59 21.84
CA ASP C 31 13.45 11.27 21.25
C ASP C 31 13.59 12.77 21.54
N GLU C 32 14.05 13.08 22.74
CA GLU C 32 14.25 14.47 23.15
C GLU C 32 15.37 15.09 22.31
N GLU C 33 16.47 14.36 22.17
CA GLU C 33 17.61 14.83 21.40
C GLU C 33 17.17 15.01 19.94
N SER C 34 16.18 14.22 19.54
CA SER C 34 15.64 14.26 18.20
C SER C 34 14.95 15.60 17.92
N SER C 35 13.84 15.85 18.61
CA SER C 35 13.08 17.09 18.41
C SER C 35 13.88 18.35 18.75
N GLN C 36 14.84 18.18 19.66
CA GLN C 36 15.70 19.29 20.07
C GLN C 36 16.48 19.77 18.86
N LEU C 37 17.19 18.83 18.24
CA LEU C 37 18.00 19.13 17.05
C LEU C 37 17.17 19.86 16.01
N GLU C 38 15.93 19.41 15.83
CA GLU C 38 15.05 20.01 14.85
C GLU C 38 14.79 21.46 15.18
N THR C 39 14.47 21.74 16.44
CA THR C 39 14.22 23.11 16.88
C THR C 39 15.44 23.99 16.70
N THR C 40 16.59 23.45 17.08
CA THR C 40 17.86 24.14 16.97
C THR C 40 18.16 24.52 15.52
N THR C 41 17.93 23.58 14.60
CA THR C 41 18.19 23.83 13.20
C THR C 41 17.15 24.78 12.61
N ARG C 42 17.27 26.05 12.95
CA ARG C 42 16.31 27.04 12.48
C ARG C 42 16.77 27.74 11.22
N SER C 43 17.88 27.28 10.65
CA SER C 43 18.39 27.89 9.43
C SER C 43 19.51 27.08 8.79
N ILE C 44 19.40 26.88 7.49
CA ILE C 44 20.40 26.14 6.72
C ILE C 44 20.98 27.10 5.69
N ASP C 45 22.29 27.31 5.76
CA ASP C 45 22.95 28.25 4.86
C ASP C 45 23.95 27.57 3.93
N SER C 46 23.95 26.25 3.93
CA SER C 46 24.87 25.51 3.08
C SER C 46 24.49 24.04 3.00
N ALA C 47 24.93 23.37 1.95
CA ALA C 47 24.64 21.96 1.77
C ALA C 47 25.17 21.24 3.02
N ASP C 48 26.36 21.62 3.45
CA ASP C 48 26.96 21.01 4.62
C ASP C 48 25.97 21.05 5.78
N ASP C 49 25.50 22.25 6.09
CA ASP C 49 24.56 22.44 7.18
C ASP C 49 23.37 21.49 7.13
N LEU C 50 22.77 21.38 5.95
CA LEU C 50 21.62 20.50 5.76
C LEU C 50 22.07 19.05 5.84
N ASP C 51 23.19 18.76 5.18
CA ASP C 51 23.76 17.42 5.17
C ASP C 51 24.00 16.98 6.59
N GLN C 52 24.59 17.85 7.40
CA GLN C 52 24.85 17.53 8.79
C GLN C 52 23.55 17.21 9.51
N PHE C 53 22.55 18.07 9.31
CA PHE C 53 21.27 17.86 9.97
C PHE C 53 20.68 16.51 9.61
N ILE C 54 20.58 16.26 8.31
CA ILE C 54 20.00 15.01 7.86
C ILE C 54 20.72 13.83 8.47
N LYS C 55 22.05 13.83 8.39
CA LYS C 55 22.82 12.71 8.93
C LYS C 55 22.63 12.52 10.43
N ASN C 56 22.63 13.61 11.19
CA ASN C 56 22.46 13.50 12.63
C ASN C 56 21.03 13.16 13.02
N TYR C 57 20.05 13.77 12.35
CA TYR C 57 18.65 13.49 12.67
C TYR C 57 18.33 12.03 12.37
N LEU C 58 18.79 11.59 11.21
CA LEU C 58 18.57 10.22 10.76
C LEU C 58 19.21 9.25 11.73
N ASP C 59 20.36 9.62 12.25
CA ASP C 59 21.07 8.78 13.20
C ASP C 59 20.27 8.65 14.50
N ILE C 60 20.08 9.78 15.17
CA ILE C 60 19.34 9.80 16.41
C ILE C 60 18.07 9.02 16.27
N ARG C 61 17.39 9.26 15.16
CA ARG C 61 16.13 8.63 14.87
C ARG C 61 16.22 7.11 14.71
N THR C 62 17.30 6.63 14.09
CA THR C 62 17.49 5.19 13.92
C THR C 62 17.72 4.53 15.26
N GLN C 63 18.72 5.04 16.00
CA GLN C 63 19.06 4.53 17.33
C GLN C 63 17.83 4.58 18.21
N TYR C 64 17.01 5.60 18.01
CA TYR C 64 15.79 5.71 18.78
C TYR C 64 14.88 4.52 18.52
N HIS C 65 14.59 4.26 17.24
CA HIS C 65 13.73 3.13 16.90
C HIS C 65 14.35 1.79 17.25
N LEU C 66 15.66 1.68 17.12
CA LEU C 66 16.31 0.42 17.43
C LEU C 66 15.99 0.01 18.87
N ARG C 67 16.37 0.85 19.82
CA ARG C 67 16.11 0.55 21.23
C ARG C 67 14.62 0.44 21.45
N ARG C 68 13.89 1.26 20.71
CA ARG C 68 12.44 1.29 20.78
C ARG C 68 11.88 -0.11 20.47
N GLU C 69 12.44 -0.76 19.47
CA GLU C 69 11.96 -2.08 19.11
C GLU C 69 12.62 -3.16 19.93
N LYS C 70 13.81 -2.89 20.42
CA LYS C 70 14.53 -3.85 21.25
C LYS C 70 13.83 -3.95 22.60
N LEU C 71 13.24 -2.83 23.02
CA LEU C 71 12.57 -2.75 24.30
C LEU C 71 11.20 -3.43 24.33
N ALA C 72 10.37 -3.16 23.34
CA ALA C 72 9.05 -3.77 23.31
C ALA C 72 9.13 -5.24 22.92
N THR C 73 10.34 -5.70 22.62
CA THR C 73 10.55 -7.08 22.21
C THR C 73 11.45 -7.81 23.21
N TRP C 74 11.79 -7.11 24.28
CA TRP C 74 12.66 -7.63 25.34
C TRP C 74 12.52 -9.10 25.72
N ASP C 75 11.30 -9.63 25.66
CA ASP C 75 11.07 -11.02 26.05
C ASP C 75 10.76 -11.95 24.86
N MET D 1 -18.95 6.88 -25.43
CA MET D 1 -17.48 7.01 -25.61
C MET D 1 -16.86 5.77 -26.23
N THR D 2 -15.56 5.81 -26.50
CA THR D 2 -14.88 4.67 -27.08
C THR D 2 -15.06 3.41 -26.23
N ASP D 3 -15.03 2.26 -26.89
CA ASP D 3 -15.19 0.98 -26.21
C ASP D 3 -14.25 0.81 -25.02
N GLY D 4 -12.97 1.09 -25.26
CA GLY D 4 -11.98 0.97 -24.22
C GLY D 4 -12.33 1.82 -23.01
N LEU D 5 -12.49 3.12 -23.21
CA LEU D 5 -12.84 4.00 -22.10
C LEU D 5 -14.01 3.44 -21.33
N ASN D 6 -14.97 2.91 -22.06
CA ASN D 6 -16.15 2.32 -21.45
C ASN D 6 -15.71 1.20 -20.53
N GLN D 7 -14.87 0.30 -21.04
CA GLN D 7 -14.37 -0.82 -20.28
C GLN D 7 -13.67 -0.30 -19.04
N LEU D 8 -12.74 0.63 -19.24
CA LEU D 8 -11.98 1.23 -18.16
C LEU D 8 -12.92 1.75 -17.09
N TYR D 9 -13.90 2.56 -17.50
CA TYR D 9 -14.90 3.12 -16.58
C TYR D 9 -15.58 2.07 -15.73
N ASN D 10 -15.98 0.97 -16.37
CA ASN D 10 -16.66 -0.11 -15.66
C ASN D 10 -15.76 -0.81 -14.66
N LEU D 11 -14.60 -1.25 -15.15
CA LEU D 11 -13.62 -1.92 -14.31
C LEU D 11 -13.44 -1.13 -13.01
N VAL D 12 -13.18 0.16 -13.16
CA VAL D 12 -12.99 1.02 -12.00
C VAL D 12 -14.19 0.89 -11.08
N ALA D 13 -15.39 0.98 -11.66
CA ALA D 13 -16.62 0.88 -10.89
C ALA D 13 -16.75 -0.48 -10.18
N GLN D 14 -16.33 -1.56 -10.84
CA GLN D 14 -16.40 -2.88 -10.24
C GLN D 14 -15.44 -2.93 -9.06
N ASP D 15 -14.27 -2.33 -9.25
CA ASP D 15 -13.22 -2.27 -8.24
C ASP D 15 -13.82 -1.67 -6.97
N TYR D 16 -14.35 -0.46 -7.11
CA TYR D 16 -14.96 0.22 -5.98
C TYR D 16 -16.19 -0.51 -5.47
N ALA D 17 -16.92 -1.14 -6.38
CA ALA D 17 -18.11 -1.89 -6.01
C ALA D 17 -17.73 -3.06 -5.12
N LEU D 18 -16.72 -3.80 -5.55
CA LEU D 18 -16.23 -4.96 -4.80
C LEU D 18 -15.93 -4.59 -3.35
N THR D 19 -15.21 -3.49 -3.16
CA THR D 19 -14.88 -3.03 -1.83
C THR D 19 -16.16 -2.67 -1.07
N ASP D 20 -17.11 -2.04 -1.74
CA ASP D 20 -18.36 -1.67 -1.10
C ASP D 20 -19.09 -2.88 -0.56
N THR D 21 -19.09 -3.94 -1.34
CA THR D 21 -19.77 -5.18 -0.97
C THR D 21 -19.08 -5.90 0.19
N ILE D 22 -17.75 -5.93 0.18
CA ILE D 22 -16.99 -6.57 1.23
C ILE D 22 -17.28 -5.85 2.54
N GLU D 23 -17.22 -4.52 2.51
CA GLU D 23 -17.50 -3.72 3.70
C GLU D 23 -18.93 -3.98 4.18
N ALA D 24 -19.81 -4.32 3.25
CA ALA D 24 -21.21 -4.59 3.60
C ALA D 24 -21.31 -5.91 4.34
N LEU D 25 -20.69 -6.95 3.81
CA LEU D 25 -20.72 -8.25 4.45
C LEU D 25 -20.10 -8.16 5.83
N SER D 26 -19.14 -7.26 6.02
CA SER D 26 -18.49 -7.13 7.32
C SER D 26 -19.46 -6.51 8.31
N ARG D 27 -20.29 -5.61 7.84
CA ARG D 27 -21.28 -4.97 8.70
C ARG D 27 -22.29 -6.04 9.10
N MET D 28 -22.64 -6.88 8.13
CA MET D 28 -23.58 -7.97 8.36
C MET D 28 -22.98 -8.96 9.35
N LEU D 29 -21.66 -8.95 9.50
CA LEU D 29 -21.01 -9.84 10.44
C LEU D 29 -21.19 -9.19 11.81
N HIS D 30 -21.06 -7.86 11.83
CA HIS D 30 -21.18 -7.09 13.05
C HIS D 30 -22.58 -7.23 13.65
N ARG D 31 -23.58 -7.35 12.79
CA ARG D 31 -24.96 -7.49 13.24
C ARG D 31 -25.34 -8.95 13.52
N GLY D 32 -24.41 -9.86 13.24
CA GLY D 32 -24.68 -11.27 13.47
C GLY D 32 -25.45 -11.90 12.33
N THR D 33 -25.85 -11.09 11.35
CA THR D 33 -26.62 -11.59 10.21
C THR D 33 -25.95 -12.76 9.49
N ILE D 34 -24.64 -12.94 9.70
CA ILE D 34 -23.90 -14.03 9.06
C ILE D 34 -22.74 -14.52 9.92
N PRO D 35 -22.29 -15.76 9.67
CA PRO D 35 -21.19 -16.40 10.40
C PRO D 35 -19.83 -15.91 9.93
N LEU D 36 -18.88 -15.82 10.85
CA LEU D 36 -17.53 -15.41 10.49
C LEU D 36 -17.06 -16.34 9.38
N ASP D 37 -17.44 -17.59 9.49
CA ASP D 37 -17.07 -18.63 8.54
C ASP D 37 -17.47 -18.27 7.11
N THR D 38 -18.70 -17.76 6.96
CA THR D 38 -19.21 -17.40 5.65
C THR D 38 -18.47 -16.18 5.13
N PHE D 39 -18.44 -15.14 5.97
CA PHE D 39 -17.77 -13.89 5.64
C PHE D 39 -16.39 -14.15 5.08
N VAL D 40 -15.66 -15.07 5.67
CA VAL D 40 -14.32 -15.34 5.19
C VAL D 40 -14.36 -15.90 3.77
N LYS D 41 -15.20 -16.90 3.54
CA LYS D 41 -15.31 -17.50 2.22
C LYS D 41 -15.76 -16.49 1.16
N GLN D 42 -16.69 -15.62 1.54
CA GLN D 42 -17.20 -14.60 0.61
C GLN D 42 -16.27 -13.40 0.46
N GLY D 43 -15.61 -13.00 1.55
CA GLY D 43 -14.70 -11.88 1.48
C GLY D 43 -13.56 -12.25 0.55
N ARG D 44 -12.96 -13.41 0.82
CA ARG D 44 -11.87 -13.93 0.01
C ARG D 44 -12.24 -13.91 -1.47
N GLU D 45 -13.45 -14.41 -1.78
CA GLU D 45 -13.89 -14.48 -3.16
C GLU D 45 -13.92 -13.10 -3.82
N LEU D 46 -14.70 -12.19 -3.24
CA LEU D 46 -14.82 -10.84 -3.76
C LEU D 46 -13.45 -10.20 -3.91
N ALA D 47 -12.64 -10.35 -2.87
CA ALA D 47 -11.29 -9.80 -2.87
C ALA D 47 -10.45 -10.39 -4.00
N ARG D 48 -10.57 -11.69 -4.21
CA ARG D 48 -9.83 -12.37 -5.26
C ARG D 48 -10.14 -11.67 -6.58
N GLN D 49 -11.42 -11.44 -6.83
CA GLN D 49 -11.87 -10.79 -8.06
C GLN D 49 -11.30 -9.40 -8.17
N GLN D 50 -11.34 -8.67 -7.07
CA GLN D 50 -10.83 -7.31 -7.04
C GLN D 50 -9.41 -7.22 -7.55
N PHE D 51 -8.56 -8.16 -7.17
CA PHE D 51 -7.19 -8.11 -7.61
C PHE D 51 -7.06 -8.24 -9.12
N LEU D 52 -7.86 -9.14 -9.69
CA LEU D 52 -7.85 -9.35 -11.13
C LEU D 52 -8.35 -8.09 -11.86
N VAL D 53 -9.41 -7.49 -11.34
CA VAL D 53 -9.97 -6.30 -11.95
C VAL D 53 -8.94 -5.16 -11.91
N ARG D 54 -8.31 -4.99 -10.75
CA ARG D 54 -7.32 -3.95 -10.62
C ARG D 54 -6.13 -4.22 -11.53
N TRP D 55 -5.75 -5.50 -11.62
CA TRP D 55 -4.63 -5.87 -12.47
C TRP D 55 -4.98 -5.64 -13.92
N HIS D 56 -6.25 -5.89 -14.25
CA HIS D 56 -6.75 -5.70 -15.61
C HIS D 56 -6.62 -4.22 -15.93
N ILE D 57 -7.16 -3.38 -15.05
CA ILE D 57 -7.07 -1.94 -15.24
C ILE D 57 -5.61 -1.54 -15.50
N GLN D 58 -4.69 -2.18 -14.80
CA GLN D 58 -3.27 -1.89 -14.93
C GLN D 58 -2.70 -2.35 -16.27
N ARG D 59 -3.12 -3.53 -16.70
CA ARG D 59 -2.64 -4.08 -17.97
C ARG D 59 -3.10 -3.13 -19.08
N ILE D 60 -4.24 -2.48 -18.86
CA ILE D 60 -4.78 -1.54 -19.84
C ILE D 60 -4.01 -0.23 -19.89
N THR D 61 -3.97 0.46 -18.76
CA THR D 61 -3.29 1.74 -18.65
C THR D 61 -1.77 1.67 -18.64
N SER D 62 -1.21 0.48 -18.51
CA SER D 62 0.25 0.34 -18.51
C SER D 62 0.69 0.87 -19.87
N PRO D 63 1.86 1.53 -19.95
CA PRO D 63 2.30 2.05 -21.25
C PRO D 63 2.22 0.96 -22.31
N LEU D 64 2.18 1.37 -23.58
CA LEU D 64 2.08 0.45 -24.72
C LEU D 64 2.68 -0.91 -24.38
N SER D 65 3.80 -0.88 -23.66
CA SER D 65 4.49 -2.09 -23.26
C SER D 65 5.18 -1.86 -21.91
N SER E 6 -8.68 8.81 -25.09
CA SER E 6 -9.94 8.55 -25.85
C SER E 6 -9.62 7.70 -27.08
N GLN E 7 -8.52 8.04 -27.75
CA GLN E 7 -8.09 7.30 -28.93
C GLN E 7 -7.10 6.26 -28.45
N LEU E 8 -6.60 6.46 -27.23
CA LEU E 8 -5.66 5.55 -26.59
C LEU E 8 -6.44 4.32 -26.11
N PHE E 9 -7.42 4.56 -25.26
CA PHE E 9 -8.26 3.49 -24.74
C PHE E 9 -9.39 3.33 -25.75
N HIS E 10 -9.03 2.87 -26.94
CA HIS E 10 -9.98 2.67 -28.02
C HIS E 10 -10.72 1.35 -27.93
N ASP E 11 -10.03 0.26 -28.26
CA ASP E 11 -10.64 -1.06 -28.22
C ASP E 11 -10.51 -1.78 -26.89
N GLU E 12 -11.53 -2.54 -26.53
CA GLU E 12 -11.52 -3.29 -25.28
C GLU E 12 -10.24 -4.10 -25.21
N VAL E 13 -9.81 -4.41 -23.98
CA VAL E 13 -8.61 -5.18 -23.77
C VAL E 13 -8.93 -6.37 -22.89
N PRO E 14 -8.40 -7.54 -23.25
CA PRO E 14 -8.62 -8.77 -22.48
C PRO E 14 -7.75 -8.86 -21.23
N LEU E 15 -8.20 -9.62 -20.24
CA LEU E 15 -7.43 -9.79 -19.01
C LEU E 15 -6.13 -10.52 -19.31
N PHE E 16 -6.22 -11.60 -20.07
CA PHE E 16 -5.05 -12.41 -20.44
C PHE E 16 -4.95 -12.62 -21.95
N ASP E 17 -4.42 -11.65 -22.68
CA ASP E 17 -4.28 -11.82 -24.11
C ASP E 17 -3.20 -12.86 -24.41
N ASN E 18 -2.65 -12.81 -25.61
CA ASN E 18 -1.62 -13.77 -26.04
C ASN E 18 -0.21 -13.32 -25.64
N SER E 19 -0.11 -12.16 -25.03
CA SER E 19 1.18 -11.61 -24.62
C SER E 19 1.71 -12.15 -23.30
N ILE E 20 0.82 -12.74 -22.51
CA ILE E 20 1.20 -13.28 -21.22
C ILE E 20 1.53 -14.76 -21.30
N THR E 21 2.67 -15.17 -20.76
CA THR E 21 3.04 -16.57 -20.80
C THR E 21 2.24 -17.42 -19.83
N SER E 22 2.19 -18.72 -20.10
CA SER E 22 1.47 -19.66 -19.27
C SER E 22 1.83 -19.44 -17.79
N LYS E 23 3.12 -19.28 -17.51
CA LYS E 23 3.59 -19.06 -16.16
C LYS E 23 3.13 -17.72 -15.59
N ASP E 24 3.28 -16.65 -16.38
CA ASP E 24 2.86 -15.34 -15.93
C ASP E 24 1.44 -15.44 -15.40
N LYS E 25 0.55 -15.98 -16.24
CA LYS E 25 -0.85 -16.11 -15.85
C LYS E 25 -0.98 -16.85 -14.52
N GLU E 26 -0.18 -17.89 -14.32
CA GLU E 26 -0.23 -18.65 -13.09
C GLU E 26 0.20 -17.75 -11.92
N VAL E 27 1.24 -16.95 -12.15
CA VAL E 27 1.73 -16.04 -11.11
C VAL E 27 0.66 -15.03 -10.69
N ILE E 28 0.01 -14.39 -11.66
CA ILE E 28 -1.03 -13.42 -11.35
C ILE E 28 -2.18 -14.07 -10.56
N GLU E 29 -2.52 -15.29 -10.90
CA GLU E 29 -3.58 -15.98 -10.19
C GLU E 29 -3.17 -16.21 -8.74
N THR E 30 -1.94 -16.62 -8.51
CA THR E 30 -1.49 -16.85 -7.14
C THR E 30 -1.52 -15.52 -6.36
N LEU E 31 -1.25 -14.41 -7.05
CA LEU E 31 -1.24 -13.11 -6.41
C LEU E 31 -2.64 -12.65 -6.00
N SER E 32 -3.63 -12.96 -6.83
CA SER E 32 -4.99 -12.57 -6.51
C SER E 32 -5.37 -13.28 -5.21
N GLU E 33 -4.89 -14.52 -5.06
CA GLU E 33 -5.15 -15.30 -3.86
C GLU E 33 -4.49 -14.67 -2.64
N ILE E 34 -3.21 -14.35 -2.80
CA ILE E 34 -2.42 -13.73 -1.75
C ILE E 34 -3.08 -12.41 -1.34
N TYR E 35 -3.38 -11.58 -2.34
CA TYR E 35 -4.05 -10.30 -2.12
C TYR E 35 -5.30 -10.54 -1.30
N SER E 36 -6.05 -11.57 -1.71
CA SER E 36 -7.30 -11.96 -1.06
C SER E 36 -7.17 -12.25 0.42
N ILE E 37 -6.10 -12.96 0.79
CA ILE E 37 -5.88 -13.28 2.18
C ILE E 37 -5.57 -12.02 2.99
N VAL E 38 -4.71 -11.17 2.46
CA VAL E 38 -4.36 -9.93 3.15
C VAL E 38 -5.62 -9.11 3.46
N ILE E 39 -6.43 -8.83 2.45
CA ILE E 39 -7.65 -8.06 2.65
C ILE E 39 -8.54 -8.69 3.70
N THR E 40 -8.74 -9.99 3.59
CA THR E 40 -9.57 -10.72 4.53
C THR E 40 -9.00 -10.65 5.93
N LEU E 41 -7.68 -10.84 6.03
CA LEU E 41 -7.01 -10.77 7.32
C LEU E 41 -7.40 -9.49 8.02
N ASP E 42 -7.37 -8.40 7.26
CA ASP E 42 -7.69 -7.11 7.83
C ASP E 42 -9.10 -7.02 8.39
N HIS E 43 -10.08 -7.41 7.60
CA HIS E 43 -11.45 -7.35 8.07
C HIS E 43 -11.69 -8.25 9.28
N VAL E 44 -11.04 -9.41 9.29
CA VAL E 44 -11.19 -10.31 10.43
C VAL E 44 -10.66 -9.63 11.68
N GLU E 45 -9.50 -9.00 11.56
CA GLU E 45 -8.93 -8.32 12.71
C GLU E 45 -9.88 -7.24 13.20
N LYS E 46 -10.43 -6.46 12.27
CA LYS E 46 -11.36 -5.40 12.66
C LYS E 46 -12.60 -5.99 13.31
N ALA E 47 -13.12 -7.08 12.75
CA ALA E 47 -14.30 -7.73 13.32
C ALA E 47 -14.01 -8.06 14.78
N TYR E 48 -12.85 -8.65 15.00
CA TYR E 48 -12.43 -9.03 16.33
C TYR E 48 -12.35 -7.86 17.31
N LEU E 49 -11.91 -6.70 16.83
CA LEU E 49 -11.79 -5.55 17.71
C LEU E 49 -13.11 -4.81 18.00
N LYS E 50 -13.98 -4.71 17.01
CA LYS E 50 -15.27 -4.07 17.24
C LYS E 50 -16.08 -5.06 18.07
N ASP E 51 -15.54 -6.26 18.18
CA ASP E 51 -16.13 -7.35 18.97
C ASP E 51 -17.20 -8.16 18.26
N SER E 52 -17.08 -8.31 16.94
CA SER E 52 -18.05 -9.09 16.18
C SER E 52 -17.76 -10.58 16.33
N ILE E 53 -16.57 -10.90 16.83
CA ILE E 53 -16.18 -12.29 17.04
C ILE E 53 -15.27 -12.33 18.25
N ASP E 54 -14.96 -13.53 18.75
CA ASP E 54 -14.10 -13.66 19.93
C ASP E 54 -12.80 -14.42 19.72
N ASP E 55 -11.88 -14.21 20.65
CA ASP E 55 -10.56 -14.82 20.68
C ASP E 55 -10.42 -16.12 19.89
N THR E 56 -11.22 -17.12 20.25
CA THR E 56 -11.16 -18.40 19.57
C THR E 56 -11.35 -18.23 18.07
N GLN E 57 -12.50 -17.69 17.67
CA GLN E 57 -12.80 -17.48 16.27
C GLN E 57 -11.66 -16.75 15.55
N TYR E 58 -11.24 -15.63 16.12
CA TYR E 58 -10.16 -14.82 15.55
C TYR E 58 -8.90 -15.65 15.34
N THR E 59 -8.28 -16.06 16.45
CA THR E 59 -7.07 -16.88 16.42
C THR E 59 -7.16 -18.02 15.42
N ASN E 60 -8.24 -18.79 15.50
CA ASN E 60 -8.44 -19.90 14.60
C ASN E 60 -8.34 -19.40 13.16
N THR E 61 -9.21 -18.47 12.80
CA THR E 61 -9.25 -17.89 11.46
C THR E 61 -7.88 -17.43 10.96
N VAL E 62 -7.21 -16.63 11.77
CA VAL E 62 -5.88 -16.11 11.43
C VAL E 62 -4.89 -17.23 11.14
N ASP E 63 -5.06 -18.35 11.83
CA ASP E 63 -4.18 -19.49 11.65
C ASP E 63 -4.41 -20.16 10.31
N LYS E 64 -5.68 -20.38 9.97
CA LYS E 64 -6.04 -21.02 8.71
C LYS E 64 -5.57 -20.17 7.53
N LEU E 65 -5.82 -18.87 7.64
CA LEU E 65 -5.44 -17.93 6.58
C LEU E 65 -3.92 -17.85 6.42
N LEU E 66 -3.21 -17.49 7.49
CA LEU E 66 -1.75 -17.39 7.42
C LEU E 66 -1.11 -18.68 6.94
N LYS E 67 -1.73 -19.81 7.26
CA LYS E 67 -1.22 -21.10 6.85
C LYS E 67 -1.33 -21.21 5.31
N GLN E 68 -2.48 -20.84 4.76
CA GLN E 68 -2.66 -20.89 3.30
C GLN E 68 -1.68 -19.93 2.66
N PHE E 69 -1.58 -18.74 3.24
CA PHE E 69 -0.68 -17.71 2.78
C PHE E 69 0.73 -18.24 2.49
N LYS E 70 1.30 -18.97 3.45
CA LYS E 70 2.62 -19.57 3.33
C LYS E 70 2.71 -20.49 2.13
N VAL E 71 1.74 -21.38 2.02
CA VAL E 71 1.71 -22.30 0.91
C VAL E 71 1.76 -21.56 -0.42
N TYR E 72 1.00 -20.48 -0.54
CA TYR E 72 0.99 -19.69 -1.76
C TYR E 72 2.37 -19.15 -2.10
N LEU E 73 3.18 -18.87 -1.08
CA LEU E 73 4.53 -18.35 -1.31
C LEU E 73 5.58 -19.45 -1.44
N ASN E 74 5.13 -20.70 -1.45
CA ASN E 74 6.01 -21.85 -1.57
C ASN E 74 5.61 -22.83 -2.64
N SER E 75 4.37 -22.73 -3.11
CA SER E 75 3.86 -23.60 -4.15
C SER E 75 4.58 -23.37 -5.48
N GLN E 76 3.85 -23.55 -6.56
CA GLN E 76 4.39 -23.40 -7.90
C GLN E 76 4.85 -21.97 -8.17
N ASN E 77 6.01 -21.83 -8.82
CA ASN E 77 6.56 -20.54 -9.16
C ASN E 77 6.89 -19.73 -7.92
N LYS E 78 7.19 -20.40 -6.82
CA LYS E 78 7.52 -19.70 -5.59
C LYS E 78 8.54 -18.59 -5.84
N GLU E 79 9.45 -18.84 -6.79
CA GLU E 79 10.48 -17.88 -7.12
C GLU E 79 9.89 -16.56 -7.61
N GLU E 80 9.06 -16.62 -8.65
CA GLU E 80 8.43 -15.41 -9.22
C GLU E 80 7.47 -14.74 -8.25
N ILE E 81 6.68 -15.56 -7.58
CA ILE E 81 5.72 -15.02 -6.64
C ILE E 81 6.44 -14.18 -5.61
N ASN E 82 7.55 -14.70 -5.07
CA ASN E 82 8.29 -13.96 -4.05
C ASN E 82 8.94 -12.70 -4.61
N LYS E 83 9.45 -12.79 -5.82
CA LYS E 83 10.05 -11.65 -6.48
C LYS E 83 8.98 -10.53 -6.47
N HIS E 84 7.77 -10.88 -6.89
CA HIS E 84 6.68 -9.92 -6.93
C HIS E 84 6.25 -9.41 -5.57
N PHE E 85 5.98 -10.33 -4.66
CA PHE E 85 5.54 -9.98 -3.33
C PHE E 85 6.55 -9.09 -2.63
N GLN E 86 7.82 -9.41 -2.81
CA GLN E 86 8.86 -8.64 -2.18
C GLN E 86 8.75 -7.17 -2.52
N SER E 87 8.71 -6.86 -3.81
CA SER E 87 8.59 -5.47 -4.22
C SER E 87 7.25 -4.90 -3.75
N ILE E 88 6.22 -5.74 -3.71
CA ILE E 88 4.91 -5.27 -3.27
C ILE E 88 4.94 -4.80 -1.81
N GLU E 89 5.64 -5.54 -0.97
CA GLU E 89 5.72 -5.16 0.43
C GLU E 89 6.58 -3.92 0.61
N ALA E 90 7.66 -3.82 -0.15
CA ALA E 90 8.54 -2.66 -0.04
C ALA E 90 7.78 -1.37 -0.35
N PHE E 91 6.76 -1.47 -1.20
CA PHE E 91 5.95 -0.34 -1.61
C PHE E 91 4.77 -0.13 -0.68
N ALA E 92 4.46 -1.17 0.07
CA ALA E 92 3.33 -1.13 1.00
C ALA E 92 3.44 0.06 1.91
N ASP E 93 2.34 0.78 2.07
CA ASP E 93 2.28 1.93 2.95
C ASP E 93 2.34 1.39 4.39
N THR E 94 3.57 1.13 4.86
CA THR E 94 3.82 0.60 6.22
C THR E 94 3.66 1.69 7.26
N TYR E 95 2.49 2.27 7.34
CA TYR E 95 2.25 3.33 8.31
C TYR E 95 1.06 2.88 9.14
N ASN E 96 1.03 3.32 10.39
CA ASN E 96 -0.04 2.92 11.31
C ASN E 96 0.41 1.59 11.93
N ILE E 97 1.62 1.18 11.61
CA ILE E 97 2.23 -0.03 12.15
C ILE E 97 3.58 0.40 12.72
N THR E 98 3.71 0.36 14.04
CA THR E 98 4.94 0.77 14.72
C THR E 98 6.16 -0.07 14.36
N ALA E 99 7.35 0.49 14.54
CA ALA E 99 8.57 -0.24 14.26
C ALA E 99 8.63 -1.45 15.21
N SER E 100 7.89 -1.34 16.31
CA SER E 100 7.82 -2.40 17.31
C SER E 100 7.05 -3.59 16.74
N ASN E 101 5.85 -3.32 16.21
CA ASN E 101 5.02 -4.36 15.63
C ASN E 101 5.65 -4.96 14.38
N ALA E 102 6.28 -4.10 13.58
CA ALA E 102 6.92 -4.51 12.34
C ALA E 102 7.90 -5.67 12.50
N ILE E 103 8.75 -5.59 13.50
CA ILE E 103 9.75 -6.62 13.75
C ILE E 103 9.08 -7.93 14.19
N THR E 104 8.01 -7.80 14.97
CA THR E 104 7.25 -8.95 15.44
C THR E 104 6.61 -9.69 14.26
N ARG E 105 5.93 -8.95 13.38
CA ARG E 105 5.28 -9.54 12.23
C ARG E 105 6.31 -10.09 11.25
N LEU E 106 7.34 -9.32 10.97
CA LEU E 106 8.40 -9.75 10.05
C LEU E 106 8.99 -11.10 10.39
N GLU E 107 9.13 -11.38 11.69
CA GLU E 107 9.68 -12.65 12.15
C GLU E 107 8.63 -13.74 12.03
N ARG E 108 7.41 -13.42 12.43
CA ARG E 108 6.29 -14.36 12.39
C ARG E 108 5.74 -14.60 10.98
N GLY E 109 6.39 -14.02 9.97
CA GLY E 109 5.97 -14.19 8.58
C GLY E 109 4.61 -13.60 8.25
N ILE E 110 4.23 -12.54 8.96
CA ILE E 110 2.95 -11.88 8.75
C ILE E 110 3.07 -10.72 7.76
N PRO E 111 2.33 -10.78 6.64
CA PRO E 111 2.33 -9.75 5.59
C PRO E 111 1.70 -8.44 6.06
N ILE E 112 2.14 -7.34 5.47
CA ILE E 112 1.61 -6.02 5.84
C ILE E 112 0.13 -5.93 5.49
N THR E 113 -0.62 -5.37 6.41
CA THR E 113 -2.06 -5.21 6.26
C THR E 113 -2.49 -3.76 6.40
N ALA E 114 -3.50 -3.36 5.64
CA ALA E 114 -4.00 -2.00 5.65
C ALA E 114 -4.78 -1.67 6.92
N GLU E 115 -4.16 -1.88 8.08
CA GLU E 115 -4.83 -1.61 9.35
C GLU E 115 -5.07 -0.12 9.58
N HIS E 116 -5.41 0.60 8.51
CA HIS E 116 -5.70 2.04 8.54
C HIS E 116 -5.44 2.74 9.87
N TYR F 14 -29.43 24.63 -21.40
CA TYR F 14 -30.30 24.23 -20.25
C TYR F 14 -30.42 22.72 -20.29
N GLY F 15 -30.19 22.15 -21.47
CA GLY F 15 -30.26 20.72 -21.64
C GLY F 15 -29.21 20.05 -20.78
N ASP F 16 -27.99 20.56 -20.84
CA ASP F 16 -26.88 20.01 -20.07
C ASP F 16 -27.22 19.97 -18.58
N ILE F 17 -27.65 21.10 -18.04
CA ILE F 17 -27.98 21.21 -16.62
C ILE F 17 -29.06 20.21 -16.20
N ALA F 18 -30.13 20.12 -16.98
CA ALA F 18 -31.21 19.19 -16.65
C ALA F 18 -30.70 17.76 -16.77
N LEU F 19 -29.98 17.48 -17.85
CA LEU F 19 -29.41 16.15 -18.07
C LEU F 19 -28.52 15.76 -16.90
N LYS F 20 -27.58 16.64 -16.57
CA LYS F 20 -26.68 16.40 -15.43
C LYS F 20 -27.56 16.15 -14.21
N LYS F 21 -28.48 17.07 -13.97
CA LYS F 21 -29.39 16.95 -12.84
C LYS F 21 -30.04 15.57 -12.81
N LYS F 22 -30.48 15.11 -13.97
CA LYS F 22 -31.11 13.80 -14.12
C LYS F 22 -30.21 12.67 -13.61
N LEU F 23 -28.99 12.58 -14.17
CA LEU F 23 -28.01 11.55 -13.80
C LEU F 23 -27.73 11.60 -12.30
N GLU F 24 -27.52 12.80 -11.79
CA GLU F 24 -27.24 13.02 -10.38
C GLU F 24 -28.38 12.43 -9.56
N GLN F 25 -29.58 12.60 -10.07
CA GLN F 25 -30.79 12.09 -9.42
C GLN F 25 -30.79 10.57 -9.34
N ASN F 26 -30.61 9.92 -10.49
CA ASN F 26 -30.60 8.46 -10.54
C ASN F 26 -29.52 7.93 -9.60
N THR F 27 -28.36 8.60 -9.60
CA THR F 27 -27.26 8.22 -8.74
C THR F 27 -27.74 8.06 -7.30
N LYS F 28 -28.33 9.12 -6.76
CA LYS F 28 -28.83 9.08 -5.39
C LYS F 28 -29.80 7.94 -5.15
N LYS F 29 -30.60 7.59 -6.17
CA LYS F 29 -31.55 6.50 -6.01
C LYS F 29 -30.77 5.22 -5.78
N LEU F 30 -29.91 4.89 -6.73
CA LEU F 30 -29.09 3.70 -6.66
C LEU F 30 -28.46 3.55 -5.29
N ASP F 31 -27.96 4.65 -4.74
CA ASP F 31 -27.32 4.59 -3.44
C ASP F 31 -28.32 4.14 -2.40
N GLU F 32 -29.49 4.77 -2.38
CA GLU F 32 -30.54 4.43 -1.42
C GLU F 32 -31.02 3.01 -1.62
N GLU F 33 -31.06 2.58 -2.87
CA GLU F 33 -31.49 1.23 -3.18
C GLU F 33 -30.56 0.17 -2.57
N SER F 34 -29.26 0.45 -2.58
CA SER F 34 -28.29 -0.49 -2.02
C SER F 34 -28.37 -0.45 -0.49
N SER F 35 -28.57 0.75 0.06
CA SER F 35 -28.68 0.89 1.50
C SER F 35 -29.97 0.21 1.97
N GLN F 36 -30.97 0.21 1.10
CA GLN F 36 -32.24 -0.43 1.41
C GLN F 36 -32.02 -1.94 1.36
N LEU F 37 -31.55 -2.42 0.20
CA LEU F 37 -31.29 -3.84 0.04
C LEU F 37 -30.51 -4.36 1.24
N GLU F 38 -29.63 -3.52 1.76
CA GLU F 38 -28.81 -3.90 2.90
C GLU F 38 -29.66 -3.95 4.16
N THR F 39 -30.23 -2.80 4.52
CA THR F 39 -31.09 -2.69 5.69
C THR F 39 -32.21 -3.74 5.64
N THR F 40 -32.61 -4.08 4.42
CA THR F 40 -33.68 -5.05 4.20
C THR F 40 -33.15 -6.47 4.05
N THR F 41 -32.23 -6.85 4.92
CA THR F 41 -31.68 -8.21 4.86
C THR F 41 -31.10 -8.61 6.21
N ARG F 42 -31.96 -8.61 7.22
CA ARG F 42 -31.57 -9.01 8.56
C ARG F 42 -31.98 -10.47 8.68
N SER F 43 -31.76 -11.22 7.61
CA SER F 43 -32.14 -12.63 7.58
C SER F 43 -31.65 -13.36 6.35
N ILE F 44 -30.62 -14.17 6.52
CA ILE F 44 -30.07 -14.98 5.44
C ILE F 44 -29.80 -16.34 6.06
N ASP F 45 -30.01 -17.41 5.32
CA ASP F 45 -29.81 -18.74 5.87
C ASP F 45 -29.28 -19.74 4.85
N SER F 46 -29.95 -19.80 3.70
CA SER F 46 -29.54 -20.73 2.65
C SER F 46 -28.30 -20.20 1.94
N ALA F 47 -27.55 -21.12 1.36
CA ALA F 47 -26.35 -20.76 0.63
C ALA F 47 -26.80 -20.16 -0.71
N ASP F 48 -27.82 -19.31 -0.63
CA ASP F 48 -28.38 -18.65 -1.82
C ASP F 48 -28.98 -17.31 -1.46
N ASP F 49 -29.49 -17.18 -0.25
CA ASP F 49 -30.07 -15.92 0.19
C ASP F 49 -28.94 -14.92 0.17
N LEU F 50 -27.79 -15.34 0.69
CA LEU F 50 -26.61 -14.50 0.74
C LEU F 50 -26.08 -14.24 -0.66
N ASP F 51 -26.07 -15.27 -1.48
CA ASP F 51 -25.58 -15.14 -2.85
C ASP F 51 -26.44 -14.14 -3.63
N GLN F 52 -27.71 -14.05 -3.27
CA GLN F 52 -28.63 -13.12 -3.92
C GLN F 52 -28.20 -11.69 -3.57
N PHE F 53 -28.12 -11.43 -2.27
CA PHE F 53 -27.72 -10.12 -1.78
C PHE F 53 -26.42 -9.66 -2.43
N ILE F 54 -25.41 -10.52 -2.37
CA ILE F 54 -24.11 -10.21 -2.96
C ILE F 54 -24.27 -9.84 -4.43
N LYS F 55 -24.66 -10.82 -5.25
CA LYS F 55 -24.87 -10.59 -6.68
C LYS F 55 -25.59 -9.26 -6.90
N ASN F 56 -26.63 -9.04 -6.09
CA ASN F 56 -27.44 -7.84 -6.13
C ASN F 56 -26.71 -6.56 -5.71
N TYR F 57 -26.36 -6.50 -4.43
CA TYR F 57 -25.69 -5.34 -3.88
C TYR F 57 -24.53 -4.87 -4.76
N LEU F 58 -23.72 -5.83 -5.23
CA LEU F 58 -22.58 -5.51 -6.07
C LEU F 58 -23.03 -4.75 -7.31
N ASP F 59 -24.00 -5.31 -8.02
CA ASP F 59 -24.53 -4.70 -9.23
C ASP F 59 -24.92 -3.24 -8.98
N ILE F 60 -25.77 -3.02 -7.99
CA ILE F 60 -26.21 -1.67 -7.68
C ILE F 60 -25.04 -0.71 -7.45
N ARG F 61 -24.07 -1.13 -6.63
CA ARG F 61 -22.93 -0.29 -6.33
C ARG F 61 -22.09 0.00 -7.57
N THR F 62 -21.95 -1.00 -8.43
CA THR F 62 -21.19 -0.83 -9.66
C THR F 62 -21.86 0.26 -10.48
N GLN F 63 -23.18 0.14 -10.60
CA GLN F 63 -23.97 1.10 -11.35
C GLN F 63 -23.91 2.46 -10.68
N TYR F 64 -23.84 2.46 -9.36
CA TYR F 64 -23.75 3.71 -8.62
C TYR F 64 -22.46 4.42 -9.04
N HIS F 65 -21.34 3.73 -8.86
CA HIS F 65 -20.03 4.30 -9.18
C HIS F 65 -19.88 4.65 -10.65
N LEU F 66 -20.33 3.78 -11.53
CA LEU F 66 -20.21 4.03 -12.96
C LEU F 66 -20.80 5.39 -13.31
N ARG F 67 -22.01 5.67 -12.84
CA ARG F 67 -22.66 6.94 -13.11
C ARG F 67 -21.95 8.06 -12.37
N ARG F 68 -21.51 7.74 -11.16
CA ARG F 68 -20.79 8.68 -10.32
C ARG F 68 -19.57 9.17 -11.12
N GLU F 69 -18.96 8.25 -11.87
CA GLU F 69 -17.80 8.58 -12.67
C GLU F 69 -18.14 9.46 -13.86
N LYS F 70 -19.09 9.02 -14.68
CA LYS F 70 -19.50 9.80 -15.84
C LYS F 70 -19.98 11.19 -15.40
N LEU F 71 -20.62 11.24 -14.24
CA LEU F 71 -21.12 12.48 -13.71
C LEU F 71 -19.96 13.39 -13.34
N ALA F 72 -19.00 12.84 -12.59
CA ALA F 72 -17.85 13.59 -12.15
C ALA F 72 -16.97 14.04 -13.32
N THR F 73 -16.99 13.28 -14.40
CA THR F 73 -16.17 13.63 -15.55
C THR F 73 -17.01 14.20 -16.70
N TRP F 74 -18.26 14.50 -16.40
CA TRP F 74 -19.21 15.04 -17.36
C TRP F 74 -18.65 16.07 -18.34
N ASP F 75 -18.32 17.24 -17.80
CA ASP F 75 -17.80 18.35 -18.60
C ASP F 75 -16.55 17.93 -19.38
N LYS F 76 -15.50 17.51 -18.68
CA LYS F 76 -14.26 17.09 -19.34
C LYS F 76 -14.53 16.20 -20.56
S SO4 G . -17.23 7.87 -5.93
O1 SO4 G . -15.89 7.29 -5.47
O2 SO4 G . -17.09 9.39 -5.93
O3 SO4 G . -17.42 7.48 -7.27
O4 SO4 G . -18.13 7.57 -4.87
S SO4 H . 8.01 2.95 17.36
O1 SO4 H . 9.43 2.52 17.04
O2 SO4 H . 8.12 4.15 18.31
O3 SO4 H . 7.42 3.43 16.15
O4 SO4 H . 7.48 1.89 18.15
#